data_4WA3
#
_entry.id   4WA3
#
_cell.length_a   90.816
_cell.length_b   90.816
_cell.length_c   110.449
_cell.angle_alpha   90.00
_cell.angle_beta   90.00
_cell.angle_gamma   90.00
#
_symmetry.space_group_name_H-M   'I 4'
#
loop_
_entity.id
_entity.type
_entity.pdbx_description
1 polymer Neuraminidase
2 non-polymer 2-acetamido-2-deoxy-beta-D-glucopyranose
3 non-polymer alpha-L-fucopyranose
4 non-polymer 'CALCIUM ION'
5 non-polymer 'NICKEL (II) ION'
6 water water
#
_entity_poly.entity_id   1
_entity_poly.type   'polypeptide(L)'
_entity_poly.pdbx_seq_one_letter_code
;QFMQNTEALCDVKGFAPFSKDNGIRIGSRGHVFVIREPFVSCSPTECRTFFLTQGSLLNDKHSNGTEKDRSPYRTLMSVE
IGQSPNVYQARFEAVAWSATACHDGKKWMTIGVTGPDAKAVAVVHYGGIPTDVINSWAGDILRTQESSCTCILGECYWVM
TDGPANRQAQYRAFKAKQGKIIGQVEISFNGGHIEECSCYPNDGKVECVCRDNWTGTNRPVLVISPDLSYRVGYLCAGLS
SDTPRGEDSQFTGSCTSPVGNQGYGVKGFGFRQGNDVWMGRTISRTSRSGFEILKVRNGWVQTSKEQIKRQVVVDNLNRS
GYSGSFTLPVELTKRDCLVPCFWVEMIRGKPAEKTIWTSSSSIVMCGVDHEVADWSWHDGAILPFDID
;
_entity_poly.pdbx_strand_id   A
#
loop_
_chem_comp.id
_chem_comp.type
_chem_comp.name
_chem_comp.formula
CA non-polymer 'CALCIUM ION' 'Ca 2'
FUC L-saccharide, alpha linking alpha-L-fucopyranose 'C6 H12 O5'
NAG D-saccharide, beta linking 2-acetamido-2-deoxy-beta-D-glucopyranose 'C8 H15 N O6'
NI non-polymer 'NICKEL (II) ION' 'Ni 2'
#
# COMPACT_ATOMS: atom_id res chain seq x y z
N GLN A 1 4.08 17.13 19.91
CA GLN A 1 3.79 15.95 20.72
C GLN A 1 3.60 14.72 19.82
N PHE A 2 3.92 13.54 20.34
CA PHE A 2 3.71 12.31 19.58
C PHE A 2 2.22 12.02 19.42
N MET A 3 1.85 11.45 18.27
CA MET A 3 0.51 10.94 18.05
C MET A 3 0.34 9.67 18.88
N GLN A 4 -0.74 9.58 19.63
CA GLN A 4 -1.03 8.38 20.41
C GLN A 4 -1.38 7.22 19.48
N ASN A 5 -2.38 7.43 18.62
CA ASN A 5 -2.85 6.40 17.69
C ASN A 5 -3.16 5.09 18.40
N THR A 6 -3.76 5.20 19.58
CA THR A 6 -4.11 4.06 20.41
C THR A 6 -5.61 3.77 20.35
N GLU A 7 -6.35 4.62 19.64
CA GLU A 7 -7.80 4.49 19.55
C GLU A 7 -8.20 3.33 18.65
N ALA A 8 -9.46 2.91 18.77
CA ALA A 8 -10.02 1.93 17.84
C ALA A 8 -10.24 2.59 16.49
N LEU A 9 -10.18 1.78 15.44
CA LEU A 9 -10.55 2.20 14.10
C LEU A 9 -12.05 2.44 14.06
N CYS A 10 -12.49 3.47 13.31
CA CYS A 10 -13.90 3.76 13.19
C CYS A 10 -14.62 2.68 12.38
N ASP A 11 -15.85 2.38 12.77
CA ASP A 11 -16.70 1.50 11.96
C ASP A 11 -17.44 2.40 10.97
N VAL A 12 -17.26 2.12 9.69
CA VAL A 12 -17.76 2.99 8.64
C VAL A 12 -18.72 2.24 7.72
N LYS A 13 -19.71 2.94 7.16
CA LYS A 13 -20.70 2.33 6.29
C LYS A 13 -20.37 2.48 4.80
N GLY A 14 -19.42 3.37 4.49
CA GLY A 14 -19.00 3.54 3.10
C GLY A 14 -17.77 4.42 3.04
N PHE A 15 -17.31 4.69 1.82
CA PHE A 15 -16.12 5.51 1.61
C PHE A 15 -16.38 6.66 0.65
N ALA A 16 -15.96 7.86 1.05
CA ALA A 16 -16.18 9.08 0.29
C ALA A 16 -14.90 9.47 -0.45
N PRO A 17 -15.04 10.01 -1.67
CA PRO A 17 -13.85 10.42 -2.41
C PRO A 17 -13.11 11.54 -1.71
N PHE A 18 -11.81 11.34 -1.49
CA PHE A 18 -10.94 12.30 -0.81
C PHE A 18 -10.21 13.10 -1.88
N SER A 19 -9.44 12.42 -2.72
CA SER A 19 -8.62 13.14 -3.70
C SER A 19 -8.42 12.36 -4.98
N LYS A 20 -8.13 13.10 -6.03
CA LYS A 20 -7.81 12.56 -7.35
C LYS A 20 -6.82 13.51 -7.98
N ASP A 21 -5.67 13.01 -8.40
CA ASP A 21 -4.55 13.88 -8.78
C ASP A 21 -4.44 14.15 -10.29
N ASN A 22 -5.09 13.31 -11.11
CA ASN A 22 -5.08 13.47 -12.57
C ASN A 22 -3.68 13.64 -13.15
N GLY A 23 -2.70 13.00 -12.51
CA GLY A 23 -1.31 13.24 -12.84
C GLY A 23 -0.94 12.94 -14.28
N ILE A 24 -1.51 11.88 -14.86
CA ILE A 24 -1.13 11.50 -16.21
C ILE A 24 -1.74 12.46 -17.23
N ARG A 25 -3.02 12.80 -17.06
CA ARG A 25 -3.64 13.83 -17.89
C ARG A 25 -2.87 15.14 -17.87
N ILE A 26 -2.48 15.58 -16.68
CA ILE A 26 -1.73 16.82 -16.54
C ILE A 26 -0.38 16.71 -17.26
N GLY A 27 0.26 15.55 -17.12
CA GLY A 27 1.61 15.35 -17.61
C GLY A 27 1.72 15.22 -19.12
N SER A 28 0.58 15.27 -19.81
CA SER A 28 0.57 15.37 -21.26
C SER A 28 1.28 16.65 -21.70
N ARG A 29 1.22 17.68 -20.85
CA ARG A 29 1.83 18.98 -21.17
C ARG A 29 2.67 19.53 -20.00
N GLY A 30 2.21 19.28 -18.77
CA GLY A 30 2.95 19.72 -17.61
C GLY A 30 4.14 18.82 -17.34
N HIS A 31 4.93 19.18 -16.32
CA HIS A 31 6.17 18.48 -16.00
C HIS A 31 5.95 17.59 -14.79
N VAL A 32 5.62 16.33 -15.09
CA VAL A 32 5.16 15.36 -14.09
C VAL A 32 6.05 14.14 -14.13
N PHE A 33 6.48 13.68 -12.96
CA PHE A 33 7.29 12.46 -12.89
C PHE A 33 6.50 11.26 -13.38
N VAL A 34 7.19 10.37 -14.08
CA VAL A 34 6.73 9.01 -14.29
C VAL A 34 6.90 8.31 -12.95
N ILE A 35 5.80 7.74 -12.42
CA ILE A 35 5.85 7.17 -11.07
C ILE A 35 5.34 5.75 -10.99
N ARG A 36 5.56 5.16 -9.82
CA ARG A 36 4.99 3.87 -9.48
C ARG A 36 4.88 3.82 -7.96
N GLU A 37 3.94 3.01 -7.46
CA GLU A 37 3.78 2.80 -6.02
C GLU A 37 3.51 4.11 -5.22
N PRO A 38 2.41 4.81 -5.54
CA PRO A 38 2.00 6.07 -4.90
C PRO A 38 1.10 5.93 -3.67
N PHE A 39 1.66 5.96 -2.47
CA PHE A 39 0.85 5.79 -1.28
C PHE A 39 0.63 7.11 -0.54
N VAL A 40 -0.31 7.08 0.39
CA VAL A 40 -0.67 8.24 1.18
C VAL A 40 -0.39 7.94 2.64
N SER A 41 0.09 8.95 3.36
CA SER A 41 0.26 8.87 4.81
C SER A 41 0.02 10.29 5.35
N CYS A 42 -0.45 10.39 6.60
CA CYS A 42 -0.83 11.69 7.18
C CYS A 42 -0.11 12.06 8.46
N SER A 43 0.19 13.35 8.58
CA SER A 43 0.72 13.95 9.80
C SER A 43 -0.42 14.67 10.50
N PRO A 44 -0.15 15.24 11.70
CA PRO A 44 -1.19 16.00 12.41
C PRO A 44 -1.69 17.24 11.67
N THR A 45 -1.05 17.62 10.58
CA THR A 45 -1.45 18.83 9.86
C THR A 45 -1.94 18.55 8.43
N GLU A 46 -1.47 17.47 7.82
CA GLU A 46 -1.77 17.20 6.42
C GLU A 46 -1.53 15.75 6.00
N CYS A 47 -2.18 15.35 4.92
CA CYS A 47 -1.90 14.09 4.26
C CYS A 47 -1.03 14.38 3.05
N ARG A 48 -0.09 13.48 2.79
CA ARG A 48 0.80 13.59 1.65
C ARG A 48 0.77 12.32 0.81
N THR A 49 0.96 12.49 -0.50
CA THR A 49 1.16 11.38 -1.42
C THR A 49 2.64 11.18 -1.67
N PHE A 50 3.10 9.95 -1.43
CA PHE A 50 4.48 9.55 -1.65
C PHE A 50 4.53 8.75 -2.93
N PHE A 51 5.66 8.78 -3.64
CA PHE A 51 5.76 8.05 -4.89
C PHE A 51 7.20 7.78 -5.26
N LEU A 52 7.42 6.74 -6.05
CA LEU A 52 8.75 6.42 -6.56
C LEU A 52 8.90 6.99 -7.98
N THR A 53 9.97 7.74 -8.23
CA THR A 53 10.27 8.29 -9.56
C THR A 53 11.55 7.68 -10.10
N GLN A 54 11.81 7.87 -11.39
CA GLN A 54 13.08 7.46 -12.00
C GLN A 54 13.92 8.68 -12.40
N GLY A 55 13.47 9.86 -12.03
CA GLY A 55 14.10 11.09 -12.47
C GLY A 55 13.73 11.41 -13.91
N SER A 56 12.66 10.79 -14.39
CA SER A 56 12.19 11.02 -15.75
C SER A 56 10.77 11.56 -15.74
N LEU A 57 10.46 12.38 -16.74
CA LEU A 57 9.15 13.02 -16.84
C LEU A 57 8.33 12.40 -17.96
N LEU A 58 7.01 12.46 -17.80
CA LEU A 58 6.09 12.05 -18.85
C LEU A 58 6.35 12.86 -20.12
N ASN A 59 6.23 12.18 -21.26
CA ASN A 59 6.48 12.76 -22.58
C ASN A 59 7.93 13.15 -22.85
N ASP A 60 8.86 12.67 -22.03
CA ASP A 60 10.29 12.79 -22.32
C ASP A 60 10.90 11.43 -22.65
N LYS A 61 12.01 11.44 -23.38
CA LYS A 61 12.65 10.20 -23.81
C LYS A 61 13.17 9.34 -22.67
N HIS A 62 13.41 9.94 -21.50
CA HIS A 62 13.93 9.16 -20.38
C HIS A 62 12.83 8.30 -19.75
N SER A 63 11.57 8.55 -20.12
CA SER A 63 10.44 7.77 -19.60
C SER A 63 10.38 6.40 -20.27
N ASN A 64 11.26 6.22 -21.24
CA ASN A 64 11.44 4.96 -21.96
C ASN A 64 11.69 3.81 -20.97
N GLY A 65 10.76 2.87 -20.88
CA GLY A 65 10.81 1.86 -19.83
C GLY A 65 11.78 0.73 -20.11
N THR A 66 13.01 1.07 -20.46
CA THR A 66 14.04 0.07 -20.74
C THR A 66 14.97 -0.13 -19.54
N GLU A 67 14.63 0.50 -18.41
CA GLU A 67 15.47 0.47 -17.21
C GLU A 67 15.14 -0.73 -16.32
N LYS A 68 16.02 -0.99 -15.34
CA LYS A 68 15.71 -1.92 -14.27
C LYS A 68 14.64 -1.28 -13.40
N ASP A 69 13.71 -2.08 -12.87
CA ASP A 69 12.76 -1.57 -11.89
C ASP A 69 13.55 -1.00 -10.72
N ARG A 70 14.55 -1.75 -10.28
CA ARG A 70 15.36 -1.37 -9.14
C ARG A 70 16.64 -0.66 -9.60
N SER A 71 16.47 0.53 -10.14
CA SER A 71 17.57 1.28 -10.73
C SER A 71 18.16 2.26 -9.73
N PRO A 72 19.38 2.75 -10.01
CA PRO A 72 20.04 3.73 -9.15
C PRO A 72 19.45 5.14 -9.25
N TYR A 73 18.52 5.36 -10.16
CA TYR A 73 17.90 6.67 -10.34
C TYR A 73 16.63 6.77 -9.53
N ARG A 74 16.15 5.64 -9.03
CA ARG A 74 14.86 5.61 -8.38
C ARG A 74 14.93 6.29 -7.02
N THR A 75 14.01 7.23 -6.80
CA THR A 75 13.94 7.94 -5.53
C THR A 75 12.51 8.05 -5.05
N LEU A 76 12.37 8.23 -3.73
CA LEU A 76 11.10 8.50 -3.11
C LEU A 76 10.92 10.01 -2.96
N MET A 77 9.78 10.51 -3.42
CA MET A 77 9.42 11.91 -3.26
C MET A 77 7.98 12.01 -2.79
N SER A 78 7.55 13.22 -2.43
CA SER A 78 6.17 13.43 -1.99
C SER A 78 5.61 14.83 -2.34
N VAL A 79 4.28 14.89 -2.40
CA VAL A 79 3.53 16.12 -2.59
C VAL A 79 2.34 16.12 -1.62
N GLU A 80 1.62 17.23 -1.53
CA GLU A 80 0.39 17.25 -0.75
C GLU A 80 -0.63 16.38 -1.47
N ILE A 81 -1.50 15.72 -0.72
CA ILE A 81 -2.47 14.82 -1.34
C ILE A 81 -3.30 15.56 -2.40
N GLY A 82 -3.49 14.94 -3.56
CA GLY A 82 -4.28 15.53 -4.62
C GLY A 82 -3.49 16.34 -5.64
N GLN A 83 -2.25 16.68 -5.28
CA GLN A 83 -1.35 17.30 -6.23
C GLN A 83 -0.79 16.22 -7.14
N SER A 84 -0.64 16.52 -8.43
CA SER A 84 0.04 15.61 -9.33
C SER A 84 1.49 15.48 -8.85
N PRO A 85 2.15 14.37 -9.17
CA PRO A 85 3.56 14.22 -8.81
C PRO A 85 4.46 15.05 -9.72
N ASN A 86 4.31 16.37 -9.65
CA ASN A 86 5.04 17.24 -10.55
C ASN A 86 6.36 17.72 -9.96
N VAL A 87 7.29 18.07 -10.83
CA VAL A 87 8.64 18.44 -10.41
C VAL A 87 8.65 19.59 -9.41
N TYR A 88 7.83 20.60 -9.65
CA TYR A 88 8.03 21.87 -8.97
C TYR A 88 7.31 21.98 -7.64
N GLN A 89 6.54 20.96 -7.29
CA GLN A 89 5.87 20.89 -6.00
C GLN A 89 6.41 19.74 -5.15
N ALA A 90 7.35 18.99 -5.71
CA ALA A 90 7.83 17.76 -5.06
C ALA A 90 8.88 18.00 -3.97
N ARG A 91 8.74 17.20 -2.92
CA ARG A 91 9.68 17.16 -1.81
C ARG A 91 10.46 15.87 -1.89
N PHE A 92 11.79 15.97 -1.84
CA PHE A 92 12.62 14.79 -1.86
C PHE A 92 12.55 14.08 -0.51
N GLU A 93 12.51 12.74 -0.54
CA GLU A 93 12.45 11.96 0.70
C GLU A 93 13.65 11.00 0.87
N ALA A 94 13.90 10.15 -0.12
CA ALA A 94 14.94 9.14 0.00
C ALA A 94 15.34 8.55 -1.35
N VAL A 95 16.56 8.00 -1.45
CA VAL A 95 16.92 7.19 -2.60
C VAL A 95 16.29 5.82 -2.35
N ALA A 96 15.55 5.30 -3.31
CA ALA A 96 14.69 4.16 -3.01
C ALA A 96 14.05 3.52 -4.24
N TRP A 97 14.11 2.19 -4.32
CA TRP A 97 13.27 1.44 -5.25
C TRP A 97 12.22 0.60 -4.49
N SER A 98 12.21 0.74 -3.17
CA SER A 98 11.16 0.22 -2.32
C SER A 98 11.12 1.16 -1.12
N ALA A 99 9.93 1.43 -0.59
CA ALA A 99 9.79 2.45 0.45
C ALA A 99 8.58 2.30 1.36
N THR A 100 8.65 2.98 2.49
CA THR A 100 7.50 3.18 3.36
C THR A 100 7.71 4.52 4.08
N ALA A 101 6.64 5.14 4.54
CA ALA A 101 6.74 6.42 5.25
C ALA A 101 5.58 6.61 6.21
N CYS A 102 5.81 7.36 7.27
CA CYS A 102 4.79 7.63 8.27
C CYS A 102 5.26 8.71 9.23
N HIS A 103 4.31 9.39 9.89
CA HIS A 103 4.62 10.51 10.76
C HIS A 103 4.31 10.11 12.21
N ASP A 104 5.20 10.46 13.15
CA ASP A 104 5.03 10.05 14.55
C ASP A 104 4.38 11.11 15.44
N GLY A 105 3.92 12.20 14.84
CA GLY A 105 3.39 13.33 15.58
C GLY A 105 4.32 14.52 15.56
N LYS A 106 5.62 14.25 15.48
CA LYS A 106 6.65 15.29 15.45
C LYS A 106 7.30 15.45 14.07
N LYS A 107 7.77 14.35 13.50
CA LYS A 107 8.46 14.40 12.21
C LYS A 107 8.10 13.21 11.31
N TRP A 108 8.44 13.34 10.04
CA TRP A 108 8.26 12.26 9.09
C TRP A 108 9.39 11.27 9.23
N MET A 109 9.04 9.99 9.29
CA MET A 109 10.01 8.93 9.09
C MET A 109 9.77 8.30 7.73
N THR A 110 10.88 8.07 7.02
CA THR A 110 10.85 7.48 5.70
C THR A 110 11.90 6.36 5.66
N ILE A 111 11.56 5.26 5.02
CA ILE A 111 12.52 4.19 4.77
C ILE A 111 12.63 3.98 3.28
N GLY A 112 13.84 4.15 2.76
CA GLY A 112 14.12 3.91 1.35
C GLY A 112 15.13 2.79 1.20
N VAL A 113 14.76 1.79 0.42
CA VAL A 113 15.64 0.67 0.13
C VAL A 113 16.25 0.85 -1.25
N THR A 114 17.58 0.82 -1.31
CA THR A 114 18.29 0.92 -2.56
C THR A 114 19.49 -0.02 -2.53
N GLY A 115 20.36 0.08 -3.54
CA GLY A 115 21.52 -0.79 -3.62
C GLY A 115 21.30 -2.04 -4.43
N PRO A 116 22.29 -2.94 -4.44
CA PRO A 116 22.22 -4.17 -5.25
C PRO A 116 21.26 -5.22 -4.67
N ASP A 117 20.72 -6.07 -5.54
CA ASP A 117 19.78 -7.11 -5.12
C ASP A 117 20.37 -8.06 -4.07
N ALA A 118 21.67 -8.28 -4.11
CA ALA A 118 22.29 -9.26 -3.22
C ALA A 118 22.64 -8.68 -1.86
N LYS A 119 22.52 -7.36 -1.72
CA LYS A 119 23.07 -6.69 -0.56
C LYS A 119 22.49 -5.29 -0.39
N ALA A 120 21.17 -5.18 -0.53
CA ALA A 120 20.51 -3.89 -0.49
C ALA A 120 20.63 -3.23 0.88
N VAL A 121 20.50 -1.91 0.89
CA VAL A 121 20.59 -1.11 2.10
C VAL A 121 19.30 -0.32 2.24
N ALA A 122 18.65 -0.46 3.39
CA ALA A 122 17.44 0.30 3.69
C ALA A 122 17.84 1.43 4.62
N VAL A 123 17.69 2.65 4.14
CA VAL A 123 18.06 3.83 4.93
C VAL A 123 16.84 4.44 5.58
N VAL A 124 16.90 4.59 6.90
CA VAL A 124 15.85 5.25 7.67
C VAL A 124 16.15 6.74 7.77
N HIS A 125 15.21 7.57 7.31
CA HIS A 125 15.31 9.01 7.44
C HIS A 125 14.30 9.47 8.48
N TYR A 126 14.68 10.46 9.28
CA TYR A 126 13.78 11.05 10.25
C TYR A 126 14.01 12.54 10.25
N GLY A 127 12.96 13.29 9.95
CA GLY A 127 13.07 14.73 9.91
C GLY A 127 13.88 15.22 8.72
N GLY A 128 13.98 14.41 7.67
CA GLY A 128 14.63 14.83 6.44
C GLY A 128 16.13 14.58 6.37
N ILE A 129 16.66 13.79 7.30
CA ILE A 129 18.04 13.33 7.24
C ILE A 129 18.13 11.84 7.54
N PRO A 130 19.21 11.18 7.09
CA PRO A 130 19.40 9.76 7.44
C PRO A 130 19.75 9.57 8.91
N THR A 131 19.14 8.58 9.55
CA THR A 131 19.35 8.34 10.98
C THR A 131 19.78 6.90 11.29
N ASP A 132 19.53 5.97 10.38
CA ASP A 132 19.87 4.56 10.63
C ASP A 132 19.79 3.75 9.36
N VAL A 133 20.29 2.51 9.40
CA VAL A 133 20.19 1.61 8.26
C VAL A 133 19.92 0.16 8.65
N ILE A 134 19.32 -0.57 7.72
CA ILE A 134 19.17 -2.02 7.80
C ILE A 134 19.72 -2.59 6.51
N ASN A 135 20.76 -3.42 6.59
CA ASN A 135 21.22 -4.10 5.38
C ASN A 135 20.43 -5.39 5.18
N SER A 136 20.40 -5.88 3.95
CA SER A 136 19.78 -7.16 3.62
C SER A 136 20.31 -8.26 4.54
N TRP A 137 19.41 -9.05 5.13
CA TRP A 137 19.82 -10.13 6.02
C TRP A 137 19.78 -11.50 5.34
N ALA A 138 19.24 -11.57 4.13
CA ALA A 138 19.07 -12.83 3.43
C ALA A 138 19.53 -12.75 1.97
N GLY A 139 20.08 -11.60 1.58
CA GLY A 139 20.73 -11.45 0.29
C GLY A 139 19.85 -11.60 -0.95
N ASP A 140 18.57 -11.24 -0.84
CA ASP A 140 17.67 -11.41 -1.98
C ASP A 140 16.55 -10.37 -2.00
N ILE A 141 16.91 -9.19 -2.50
CA ILE A 141 16.00 -8.06 -2.67
C ILE A 141 15.23 -7.71 -1.41
N LEU A 142 15.94 -7.17 -0.42
CA LEU A 142 15.31 -6.57 0.73
C LEU A 142 14.28 -5.55 0.23
N ARG A 143 13.08 -5.57 0.80
CA ARG A 143 11.99 -4.74 0.31
C ARG A 143 10.91 -4.56 1.38
N THR A 144 10.07 -3.56 1.19
CA THR A 144 9.09 -3.23 2.24
C THR A 144 7.70 -2.90 1.65
N GLN A 145 6.90 -2.17 2.42
CA GLN A 145 5.45 -2.10 2.22
C GLN A 145 4.91 -1.41 0.96
N GLU A 146 5.57 -0.34 0.52
CA GLU A 146 5.05 0.56 -0.51
C GLU A 146 3.72 1.20 -0.11
N SER A 147 3.57 1.45 1.19
CA SER A 147 2.45 2.19 1.74
C SER A 147 2.85 2.74 3.11
N SER A 148 1.93 3.46 3.75
CA SER A 148 2.18 4.06 5.05
C SER A 148 2.61 3.03 6.08
N CYS A 149 3.65 3.35 6.85
CA CYS A 149 3.95 2.60 8.06
C CYS A 149 3.01 3.11 9.16
N THR A 150 3.20 2.61 10.38
CA THR A 150 2.24 2.86 11.46
C THR A 150 3.00 3.31 12.68
N CYS A 151 2.61 4.46 13.23
CA CYS A 151 3.21 4.95 14.46
C CYS A 151 2.19 4.95 15.59
N ILE A 152 2.61 4.40 16.73
CA ILE A 152 1.80 4.35 17.94
C ILE A 152 2.65 4.79 19.11
N LEU A 153 2.18 5.82 19.82
CA LEU A 153 2.87 6.33 21.00
C LEU A 153 4.34 6.69 20.74
N GLY A 154 4.61 7.22 19.56
CA GLY A 154 5.93 7.73 19.24
C GLY A 154 6.90 6.71 18.70
N GLU A 155 6.42 5.48 18.52
CA GLU A 155 7.23 4.40 17.97
C GLU A 155 6.61 3.94 16.66
N CYS A 156 7.44 3.76 15.65
CA CYS A 156 6.95 3.45 14.31
C CYS A 156 7.30 2.03 13.89
N TYR A 157 6.34 1.37 13.24
CA TYR A 157 6.41 -0.05 12.92
C TYR A 157 6.26 -0.29 11.43
N TRP A 158 7.04 -1.21 10.89
CA TRP A 158 6.90 -1.63 9.50
C TRP A 158 7.41 -3.05 9.26
N VAL A 159 7.04 -3.59 8.11
CA VAL A 159 7.34 -4.96 7.76
C VAL A 159 8.20 -5.03 6.51
N MET A 160 9.22 -5.87 6.54
CA MET A 160 10.10 -6.08 5.39
C MET A 160 10.24 -7.56 5.07
N THR A 161 10.56 -7.82 3.80
CA THR A 161 10.77 -9.16 3.29
C THR A 161 12.13 -9.25 2.61
N ASP A 162 12.79 -10.39 2.77
CA ASP A 162 14.08 -10.62 2.13
C ASP A 162 14.08 -12.10 1.72
N GLY A 163 14.20 -12.33 0.42
CA GLY A 163 14.08 -13.67 -0.13
C GLY A 163 13.30 -13.70 -1.44
N PRO A 164 13.02 -14.92 -1.93
CA PRO A 164 12.32 -15.16 -3.20
C PRO A 164 10.94 -14.52 -3.31
N ALA A 165 10.59 -14.17 -4.55
CA ALA A 165 9.32 -13.53 -4.84
C ALA A 165 8.23 -14.57 -5.11
N ASN A 166 8.62 -15.82 -5.34
CA ASN A 166 7.69 -16.86 -5.80
C ASN A 166 7.70 -18.14 -4.95
N ARG A 167 8.47 -18.14 -3.88
CA ARG A 167 8.44 -19.26 -2.93
C ARG A 167 8.78 -18.74 -1.55
N GLN A 168 9.07 -19.64 -0.60
CA GLN A 168 9.32 -19.23 0.78
C GLN A 168 10.39 -18.17 0.88
N ALA A 169 10.07 -17.07 1.56
CA ALA A 169 11.03 -16.02 1.88
C ALA A 169 11.08 -15.81 3.39
N GLN A 170 11.79 -14.78 3.82
CA GLN A 170 11.84 -14.40 5.23
C GLN A 170 11.25 -13.01 5.45
N TYR A 171 10.63 -12.84 6.63
CA TYR A 171 9.81 -11.67 6.92
C TYR A 171 10.17 -11.17 8.31
N ARG A 172 10.38 -9.86 8.43
CA ARG A 172 10.71 -9.26 9.71
C ARG A 172 9.88 -8.01 9.91
N ALA A 173 9.50 -7.75 11.15
CA ALA A 173 8.86 -6.49 11.51
C ALA A 173 9.81 -5.69 12.38
N PHE A 174 9.85 -4.38 12.16
CA PHE A 174 10.79 -3.49 12.83
C PHE A 174 10.08 -2.42 13.62
N LYS A 175 10.78 -1.93 14.62
CA LYS A 175 10.29 -0.86 15.47
C LYS A 175 11.37 0.21 15.62
N ALA A 176 11.00 1.46 15.43
CA ALA A 176 11.92 2.59 15.54
C ALA A 176 11.33 3.71 16.38
N LYS A 177 12.20 4.42 17.09
CA LYS A 177 11.82 5.65 17.75
C LYS A 177 12.76 6.77 17.33
N GLN A 178 12.19 7.84 16.80
CA GLN A 178 12.96 8.97 16.30
C GLN A 178 14.04 8.55 15.30
N GLY A 179 13.66 7.66 14.40
CA GLY A 179 14.53 7.25 13.33
C GLY A 179 15.60 6.25 13.72
N LYS A 180 15.62 5.85 14.99
CA LYS A 180 16.56 4.83 15.49
C LYS A 180 15.83 3.50 15.67
N ILE A 181 16.33 2.46 15.02
CA ILE A 181 15.77 1.12 15.18
C ILE A 181 16.06 0.60 16.59
N ILE A 182 15.00 0.21 17.30
CA ILE A 182 15.13 -0.21 18.70
C ILE A 182 14.55 -1.60 18.93
N GLY A 183 14.09 -2.25 17.88
CA GLY A 183 13.63 -3.62 18.02
C GLY A 183 13.26 -4.24 16.68
N GLN A 184 13.35 -5.55 16.61
CA GLN A 184 12.85 -6.27 15.45
C GLN A 184 12.46 -7.68 15.84
N VAL A 185 11.71 -8.33 14.95
CA VAL A 185 11.25 -9.69 15.20
C VAL A 185 11.09 -10.45 13.88
N GLU A 186 11.57 -11.69 13.87
CA GLU A 186 11.37 -12.59 12.74
C GLU A 186 9.94 -13.10 12.78
N ILE A 187 9.25 -13.02 11.64
CA ILE A 187 7.90 -13.53 11.54
C ILE A 187 7.93 -14.98 11.05
N SER A 188 7.51 -15.90 11.91
CA SER A 188 7.51 -17.30 11.53
C SER A 188 6.24 -17.61 10.75
N PHE A 189 6.40 -18.02 9.49
CA PHE A 189 5.27 -18.15 8.59
C PHE A 189 5.57 -19.19 7.52
N ASN A 190 5.76 -20.43 7.94
CA ASN A 190 6.11 -21.51 7.03
C ASN A 190 4.95 -21.90 6.13
N GLY A 191 5.20 -21.96 4.82
CA GLY A 191 4.15 -22.23 3.86
C GLY A 191 3.45 -20.96 3.40
N GLY A 192 3.72 -19.85 4.08
CA GLY A 192 3.12 -18.57 3.74
C GLY A 192 4.09 -17.59 3.10
N HIS A 193 3.55 -16.56 2.45
CA HIS A 193 4.38 -15.55 1.80
C HIS A 193 3.80 -14.17 2.07
N ILE A 194 4.67 -13.25 2.46
CA ILE A 194 4.31 -11.87 2.79
C ILE A 194 5.11 -10.88 1.96
N GLU A 195 4.39 -10.03 1.23
CA GLU A 195 4.96 -8.90 0.49
C GLU A 195 4.06 -7.70 0.70
N GLU A 196 4.63 -6.50 0.60
CA GLU A 196 3.85 -5.28 0.36
C GLU A 196 2.66 -5.11 1.32
N CYS A 197 2.94 -5.16 2.62
CA CYS A 197 1.90 -5.10 3.63
C CYS A 197 1.22 -3.73 3.67
N SER A 198 -0.10 -3.74 3.82
CA SER A 198 -0.86 -2.53 4.04
C SER A 198 -1.32 -2.53 5.48
N CYS A 199 -0.80 -1.58 6.25
CA CYS A 199 -0.93 -1.59 7.69
C CYS A 199 -1.68 -0.37 8.19
N TYR A 200 -2.23 -0.47 9.39
CA TYR A 200 -2.93 0.65 10.01
C TYR A 200 -3.02 0.35 11.51
N PRO A 201 -3.15 1.41 12.34
CA PRO A 201 -3.33 1.25 13.78
C PRO A 201 -4.79 0.94 14.16
N ASN A 202 -4.96 0.05 15.11
CA ASN A 202 -6.29 -0.31 15.60
C ASN A 202 -6.16 -0.82 17.03
N ASP A 203 -6.75 -0.09 17.96
CA ASP A 203 -6.76 -0.48 19.38
C ASP A 203 -5.35 -0.70 19.95
N GLY A 204 -4.38 0.08 19.48
CA GLY A 204 -3.05 0.06 20.06
C GLY A 204 -2.16 -1.02 19.48
N LYS A 205 -2.61 -1.62 18.38
CA LYS A 205 -1.81 -2.60 17.65
C LYS A 205 -1.72 -2.21 16.19
N VAL A 206 -0.79 -2.85 15.49
CA VAL A 206 -0.60 -2.63 14.07
C VAL A 206 -1.23 -3.81 13.35
N GLU A 207 -2.28 -3.57 12.58
CA GLU A 207 -2.90 -4.63 11.79
C GLU A 207 -2.47 -4.45 10.34
N CYS A 208 -2.13 -5.57 9.71
CA CYS A 208 -1.58 -5.58 8.36
C CYS A 208 -2.30 -6.62 7.52
N VAL A 209 -2.60 -6.25 6.28
CA VAL A 209 -3.17 -7.16 5.29
C VAL A 209 -2.21 -7.09 4.11
N CYS A 210 -1.64 -8.24 3.74
CA CYS A 210 -0.48 -8.24 2.84
C CYS A 210 -0.75 -9.00 1.55
N ARG A 211 0.33 -9.29 0.83
CA ARG A 211 0.25 -9.99 -0.44
C ARG A 211 1.08 -11.27 -0.37
N ASP A 212 0.43 -12.38 -0.72
CA ASP A 212 1.07 -13.67 -0.89
C ASP A 212 1.33 -13.86 -2.38
N ASN A 213 2.60 -13.93 -2.75
CA ASN A 213 2.99 -14.04 -4.14
C ASN A 213 3.42 -15.46 -4.51
N TRP A 214 3.22 -16.39 -3.58
CA TRP A 214 3.67 -17.78 -3.72
C TRP A 214 2.54 -18.70 -4.19
N THR A 215 1.63 -19.08 -3.29
CA THR A 215 0.50 -19.95 -3.65
C THR A 215 -0.90 -19.38 -3.29
N GLY A 216 -0.95 -18.31 -2.53
CA GLY A 216 -2.21 -17.86 -1.96
C GLY A 216 -2.99 -16.85 -2.78
N THR A 217 -4.30 -17.05 -2.89
CA THR A 217 -5.18 -16.05 -3.49
C THR A 217 -5.95 -15.30 -2.40
N ASN A 218 -5.80 -15.75 -1.16
CA ASN A 218 -6.26 -14.99 0.00
C ASN A 218 -5.07 -14.21 0.57
N ARG A 219 -5.34 -13.20 1.38
CA ARG A 219 -4.28 -12.31 1.85
C ARG A 219 -3.81 -12.65 3.25
N PRO A 220 -2.48 -12.65 3.47
CA PRO A 220 -1.98 -12.77 4.83
C PRO A 220 -2.45 -11.64 5.73
N VAL A 221 -2.58 -11.93 7.01
CA VAL A 221 -2.93 -10.95 8.02
C VAL A 221 -1.92 -11.07 9.13
N LEU A 222 -1.37 -9.93 9.53
CA LEU A 222 -0.33 -9.88 10.54
C LEU A 222 -0.71 -8.80 11.56
N VAL A 223 -0.71 -9.18 12.83
CA VAL A 223 -1.08 -8.26 13.89
C VAL A 223 0.07 -8.18 14.87
N ILE A 224 0.59 -6.96 15.03
CA ILE A 224 1.80 -6.73 15.79
C ILE A 224 1.48 -5.90 17.01
N SER A 225 1.90 -6.37 18.16
CA SER A 225 1.76 -5.63 19.40
C SER A 225 3.02 -4.81 19.62
N PRO A 226 2.93 -3.75 20.44
CA PRO A 226 4.09 -2.89 20.65
C PRO A 226 5.34 -3.60 21.21
N ASP A 227 5.19 -4.72 21.91
CA ASP A 227 6.35 -5.47 22.39
C ASP A 227 6.86 -6.46 21.34
N LEU A 228 6.33 -6.35 20.12
CA LEU A 228 6.76 -7.14 18.98
C LEU A 228 6.42 -8.63 19.08
N SER A 229 5.50 -8.96 19.98
CA SER A 229 4.80 -10.22 19.87
C SER A 229 3.84 -10.03 18.70
N TYR A 230 3.44 -11.11 18.07
CA TYR A 230 2.59 -11.02 16.89
C TYR A 230 1.71 -12.24 16.70
N ARG A 231 0.68 -12.04 15.89
CA ARG A 231 -0.17 -13.12 15.41
C ARG A 231 -0.10 -13.02 13.88
N VAL A 232 0.07 -14.15 13.21
CA VAL A 232 0.12 -14.18 11.75
C VAL A 232 -0.77 -15.31 11.22
N GLY A 233 -1.53 -14.99 10.17
CA GLY A 233 -2.35 -15.98 9.51
C GLY A 233 -2.84 -15.45 8.17
N TYR A 234 -4.03 -15.89 7.78
CA TYR A 234 -4.66 -15.41 6.57
C TYR A 234 -6.01 -14.80 6.88
N LEU A 235 -6.45 -13.92 5.99
CA LEU A 235 -7.70 -13.25 6.14
C LEU A 235 -8.79 -14.31 6.04
N CYS A 236 -9.57 -14.47 7.11
CA CYS A 236 -10.50 -15.59 7.25
C CYS A 236 -11.57 -15.63 6.17
N ALA A 237 -12.01 -14.46 5.71
CA ALA A 237 -13.19 -14.32 4.85
C ALA A 237 -13.25 -15.32 3.70
N GLY A 238 -14.46 -15.82 3.43
CA GLY A 238 -14.70 -16.77 2.37
C GLY A 238 -14.80 -16.15 0.98
N LEU A 239 -14.22 -14.96 0.82
CA LEU A 239 -14.03 -14.36 -0.49
C LEU A 239 -12.56 -14.00 -0.60
N SER A 240 -11.96 -14.23 -1.76
CA SER A 240 -10.55 -13.92 -1.96
C SER A 240 -10.38 -12.53 -2.57
N SER A 241 -9.28 -11.87 -2.24
CA SER A 241 -9.11 -10.48 -2.65
C SER A 241 -7.76 -10.19 -3.31
N ASP A 242 -6.99 -11.23 -3.59
CA ASP A 242 -5.77 -11.06 -4.37
C ASP A 242 -6.15 -11.09 -5.85
N THR A 243 -5.18 -10.75 -6.70
CA THR A 243 -5.33 -10.87 -8.14
C THR A 243 -3.99 -11.36 -8.69
N PRO A 244 -3.98 -12.48 -9.42
CA PRO A 244 -5.08 -13.34 -9.85
C PRO A 244 -5.71 -14.17 -8.73
N ARG A 245 -6.97 -14.52 -8.92
CA ARG A 245 -7.69 -15.40 -8.00
C ARG A 245 -8.70 -16.21 -8.79
N GLY A 246 -9.36 -17.14 -8.11
CA GLY A 246 -10.41 -17.95 -8.72
C GLY A 246 -11.78 -17.30 -8.52
N GLU A 247 -12.81 -17.95 -9.02
CA GLU A 247 -14.17 -17.50 -8.82
C GLU A 247 -14.58 -17.65 -7.36
N ASP A 248 -15.45 -16.76 -6.90
CA ASP A 248 -15.89 -16.78 -5.50
C ASP A 248 -16.60 -18.09 -5.22
N SER A 249 -17.26 -18.62 -6.24
CA SER A 249 -17.99 -19.83 -6.01
C SER A 249 -17.02 -20.92 -5.63
N GLN A 250 -15.88 -20.99 -6.31
CA GLN A 250 -14.96 -22.12 -6.10
C GLN A 250 -14.11 -21.99 -4.82
N PHE A 251 -14.29 -20.90 -4.07
CA PHE A 251 -13.38 -20.55 -2.98
C PHE A 251 -13.98 -20.85 -1.61
N THR A 252 -13.19 -21.52 -0.77
CA THR A 252 -13.51 -21.67 0.66
C THR A 252 -12.39 -21.03 1.46
N GLY A 253 -12.75 -20.15 2.39
CA GLY A 253 -11.76 -19.39 3.14
C GLY A 253 -10.91 -20.23 4.10
N SER A 254 -9.81 -19.64 4.58
CA SER A 254 -9.04 -20.23 5.68
C SER A 254 -8.40 -19.13 6.53
N CYS A 255 -8.44 -19.31 7.85
CA CYS A 255 -7.80 -18.38 8.77
C CYS A 255 -6.30 -18.65 8.89
N THR A 256 -5.86 -19.81 8.41
CA THR A 256 -4.52 -20.31 8.73
C THR A 256 -3.62 -20.60 7.52
N SER A 257 -4.20 -20.87 6.36
CA SER A 257 -3.44 -21.38 5.22
C SER A 257 -3.74 -20.67 3.91
N PRO A 258 -2.74 -20.59 3.02
CA PRO A 258 -3.04 -20.07 1.67
C PRO A 258 -4.02 -20.98 0.95
N VAL A 259 -4.94 -20.39 0.20
CA VAL A 259 -5.94 -21.12 -0.58
C VAL A 259 -5.92 -20.63 -2.01
N GLY A 260 -6.11 -21.53 -2.98
CA GLY A 260 -6.29 -21.15 -4.36
C GLY A 260 -5.26 -21.68 -5.34
N ASN A 261 -4.10 -22.09 -4.83
CA ASN A 261 -2.99 -22.59 -5.63
C ASN A 261 -2.70 -21.77 -6.90
N GLN A 262 -2.48 -20.48 -6.71
CA GLN A 262 -2.06 -19.60 -7.80
C GLN A 262 -0.91 -18.72 -7.38
N GLY A 263 -0.03 -18.39 -8.32
CA GLY A 263 1.08 -17.51 -8.05
C GLY A 263 0.72 -16.08 -8.31
N TYR A 264 1.70 -15.20 -8.14
CA TYR A 264 1.57 -13.77 -8.37
C TYR A 264 0.59 -13.13 -7.39
N GLY A 265 0.17 -11.90 -7.66
CA GLY A 265 -0.59 -11.15 -6.70
C GLY A 265 -0.57 -9.67 -7.00
N VAL A 266 -1.22 -8.91 -6.12
CA VAL A 266 -1.21 -7.46 -6.21
C VAL A 266 -1.26 -6.95 -4.78
N LYS A 267 -0.62 -5.82 -4.53
CA LYS A 267 -0.74 -5.18 -3.24
C LYS A 267 -2.20 -4.76 -3.03
N GLY A 268 -2.75 -5.11 -1.88
CA GLY A 268 -4.08 -4.70 -1.50
C GLY A 268 -4.20 -4.49 -0.01
N PHE A 269 -5.44 -4.37 0.46
CA PHE A 269 -5.68 -3.96 1.84
C PHE A 269 -7.01 -4.50 2.35
N GLY A 270 -7.16 -4.40 3.67
CA GLY A 270 -8.39 -4.73 4.33
C GLY A 270 -8.43 -3.99 5.66
N PHE A 271 -9.62 -3.70 6.16
CA PHE A 271 -9.79 -3.07 7.46
C PHE A 271 -10.68 -3.93 8.35
N ARG A 272 -10.21 -4.25 9.56
CA ARG A 272 -11.04 -4.89 10.56
C ARG A 272 -12.10 -3.92 11.07
N GLN A 273 -13.32 -4.43 11.25
CA GLN A 273 -14.44 -3.66 11.75
C GLN A 273 -15.13 -4.47 12.84
N GLY A 274 -14.52 -4.49 14.03
CA GLY A 274 -14.96 -5.41 15.06
C GLY A 274 -14.58 -6.82 14.65
N ASN A 275 -15.58 -7.61 14.29
CA ASN A 275 -15.35 -8.95 13.76
C ASN A 275 -15.59 -9.01 12.25
N ASP A 276 -16.11 -7.93 11.69
CA ASP A 276 -16.33 -7.82 10.24
C ASP A 276 -15.06 -7.32 9.56
N VAL A 277 -15.09 -7.21 8.23
CA VAL A 277 -13.94 -6.71 7.48
C VAL A 277 -14.36 -5.97 6.20
N TRP A 278 -13.71 -4.84 5.93
CA TRP A 278 -13.78 -4.23 4.61
C TRP A 278 -12.58 -4.73 3.84
N MET A 279 -12.80 -5.25 2.64
CA MET A 279 -11.72 -5.74 1.80
C MET A 279 -11.79 -5.17 0.39
N GLY A 280 -10.65 -4.70 -0.11
CA GLY A 280 -10.59 -4.18 -1.46
C GLY A 280 -10.16 -5.28 -2.42
N ARG A 281 -10.60 -5.17 -3.66
CA ARG A 281 -10.09 -6.06 -4.69
C ARG A 281 -10.41 -5.53 -6.07
N THR A 282 -9.63 -5.98 -7.04
CA THR A 282 -9.89 -5.66 -8.42
C THR A 282 -11.18 -6.34 -8.78
N ILE A 283 -11.92 -5.79 -9.73
CA ILE A 283 -13.15 -6.44 -10.13
C ILE A 283 -12.82 -7.65 -10.98
N SER A 284 -11.87 -7.48 -11.91
CA SER A 284 -11.37 -8.60 -12.67
C SER A 284 -10.65 -9.59 -11.77
N ARG A 285 -10.83 -10.87 -12.05
CA ARG A 285 -10.15 -11.92 -11.31
C ARG A 285 -8.77 -12.20 -11.88
N THR A 286 -8.52 -11.73 -13.10
CA THR A 286 -7.32 -12.12 -13.83
C THR A 286 -6.38 -10.95 -14.12
N SER A 287 -6.93 -9.74 -14.18
CA SER A 287 -6.13 -8.56 -14.50
C SER A 287 -6.41 -7.45 -13.49
N ARG A 288 -5.53 -6.46 -13.47
CA ARG A 288 -5.69 -5.35 -12.53
C ARG A 288 -6.63 -4.32 -13.14
N SER A 289 -7.91 -4.69 -13.19
CA SER A 289 -8.94 -3.83 -13.77
C SER A 289 -10.13 -3.73 -12.86
N GLY A 290 -10.66 -2.52 -12.73
CA GLY A 290 -11.72 -2.23 -11.80
C GLY A 290 -11.25 -2.25 -10.36
N PHE A 291 -12.04 -1.68 -9.48
CA PHE A 291 -11.79 -1.77 -8.06
C PHE A 291 -13.09 -1.66 -7.30
N GLU A 292 -13.29 -2.60 -6.38
CA GLU A 292 -14.46 -2.60 -5.53
C GLU A 292 -14.00 -2.82 -4.10
N ILE A 293 -14.86 -2.42 -3.17
CA ILE A 293 -14.63 -2.67 -1.76
C ILE A 293 -15.87 -3.35 -1.15
N LEU A 294 -15.63 -4.45 -0.45
CA LEU A 294 -16.69 -5.29 0.10
C LEU A 294 -16.62 -5.35 1.61
N LYS A 295 -17.76 -5.22 2.27
CA LYS A 295 -17.81 -5.50 3.71
C LYS A 295 -18.42 -6.87 3.93
N VAL A 296 -17.71 -7.70 4.67
CA VAL A 296 -18.12 -9.07 4.94
C VAL A 296 -18.40 -9.23 6.43
N ARG A 297 -19.60 -9.66 6.76
CA ARG A 297 -19.96 -9.89 8.16
C ARG A 297 -19.12 -11.01 8.76
N ASN A 298 -18.53 -10.72 9.91
CA ASN A 298 -17.68 -11.69 10.62
C ASN A 298 -16.47 -12.16 9.81
N GLY A 299 -16.11 -11.40 8.79
CA GLY A 299 -15.07 -11.81 7.86
C GLY A 299 -13.65 -11.77 8.40
N TRP A 300 -13.45 -11.09 9.53
CA TRP A 300 -12.12 -11.06 10.14
C TRP A 300 -11.86 -12.34 10.93
N VAL A 301 -12.93 -13.01 11.37
CA VAL A 301 -12.81 -14.09 12.35
C VAL A 301 -13.38 -15.44 11.87
N GLN A 302 -14.20 -15.41 10.81
CA GLN A 302 -14.79 -16.62 10.25
C GLN A 302 -14.62 -16.63 8.74
N THR A 303 -14.79 -17.80 8.13
CA THR A 303 -14.73 -17.93 6.68
C THR A 303 -16.07 -17.55 6.04
N SER A 304 -16.55 -16.37 6.39
CA SER A 304 -17.87 -15.92 6.00
C SER A 304 -17.92 -15.48 4.54
N LYS A 305 -19.07 -15.71 3.91
CA LYS A 305 -19.34 -15.19 2.56
C LYS A 305 -20.52 -14.22 2.63
N GLU A 306 -20.86 -13.77 3.83
CA GLU A 306 -21.98 -12.85 4.02
C GLU A 306 -21.56 -11.42 3.72
N GLN A 307 -21.70 -11.04 2.45
CA GLN A 307 -21.43 -9.67 1.99
C GLN A 307 -22.59 -8.77 2.40
N ILE A 308 -22.29 -7.68 3.10
CA ILE A 308 -23.33 -6.77 3.57
C ILE A 308 -23.28 -5.40 2.89
N LYS A 309 -22.11 -5.03 2.37
CA LYS A 309 -21.99 -3.81 1.58
C LYS A 309 -21.01 -4.03 0.44
N ARG A 310 -21.25 -3.33 -0.67
CA ARG A 310 -20.33 -3.29 -1.80
C ARG A 310 -20.34 -1.90 -2.42
N GLN A 311 -19.15 -1.40 -2.73
CA GLN A 311 -19.01 -0.08 -3.33
C GLN A 311 -17.99 -0.21 -4.45
N VAL A 312 -18.35 0.30 -5.63
CA VAL A 312 -17.44 0.32 -6.77
C VAL A 312 -16.79 1.69 -6.87
N VAL A 313 -15.48 1.69 -7.11
CA VAL A 313 -14.65 2.89 -7.08
C VAL A 313 -14.03 3.15 -8.45
N VAL A 314 -13.72 2.07 -9.15
CA VAL A 314 -13.25 2.11 -10.53
C VAL A 314 -13.98 1.02 -11.29
N ASP A 315 -14.61 1.37 -12.41
CA ASP A 315 -15.37 0.37 -13.16
C ASP A 315 -14.44 -0.65 -13.81
N ASN A 316 -15.00 -1.79 -14.22
CA ASN A 316 -14.21 -2.91 -14.71
C ASN A 316 -13.64 -2.68 -16.10
N LEU A 317 -14.04 -1.57 -16.72
CA LEU A 317 -13.53 -1.20 -18.04
C LEU A 317 -12.25 -0.37 -17.95
N ASN A 318 -11.82 -0.07 -16.72
CA ASN A 318 -10.66 0.79 -16.52
C ASN A 318 -9.63 0.11 -15.65
N ARG A 319 -8.39 0.57 -15.79
CA ARG A 319 -7.27 -0.06 -15.12
C ARG A 319 -7.15 0.40 -13.67
N SER A 320 -6.85 -0.55 -12.79
CA SER A 320 -6.55 -0.25 -11.40
C SER A 320 -5.08 -0.61 -11.17
N GLY A 321 -4.78 -1.26 -10.05
CA GLY A 321 -3.39 -1.47 -9.67
C GLY A 321 -3.25 -1.77 -8.20
N TYR A 322 -2.15 -1.33 -7.61
CA TYR A 322 -1.94 -1.48 -6.18
C TYR A 322 -2.99 -0.69 -5.43
N SER A 323 -3.23 -1.08 -4.18
CA SER A 323 -4.03 -0.29 -3.26
C SER A 323 -3.48 -0.47 -1.86
N GLY A 324 -3.74 0.49 -0.98
CA GLY A 324 -3.16 0.46 0.35
C GLY A 324 -3.95 1.26 1.36
N SER A 325 -3.63 1.05 2.63
CA SER A 325 -4.37 1.64 3.73
C SER A 325 -3.60 2.74 4.47
N PHE A 326 -4.36 3.66 5.06
CA PHE A 326 -3.81 4.60 6.03
C PHE A 326 -4.97 5.06 6.92
N THR A 327 -4.65 5.82 7.97
CA THR A 327 -5.67 6.39 8.82
C THR A 327 -5.54 7.89 8.95
N LEU A 328 -6.67 8.54 9.25
CA LEU A 328 -6.66 9.97 9.54
C LEU A 328 -6.45 10.13 11.04
N PRO A 329 -5.47 10.96 11.43
CA PRO A 329 -5.21 11.12 12.86
C PRO A 329 -6.29 11.93 13.57
N VAL A 330 -6.43 11.67 14.86
CA VAL A 330 -7.40 12.35 15.70
C VAL A 330 -7.12 13.86 15.73
N GLU A 331 -5.87 14.26 15.62
CA GLU A 331 -5.58 15.70 15.69
C GLU A 331 -6.15 16.43 14.47
N LEU A 332 -6.55 15.69 13.43
CA LEU A 332 -7.20 16.29 12.27
C LEU A 332 -8.72 16.13 12.28
N THR A 333 -9.20 14.95 12.66
CA THR A 333 -10.64 14.65 12.58
C THR A 333 -11.41 15.07 13.83
N LYS A 334 -10.72 15.16 14.95
CA LYS A 334 -11.34 15.43 16.26
C LYS A 334 -12.30 14.34 16.69
N ARG A 335 -12.15 13.16 16.09
CA ARG A 335 -13.00 12.01 16.40
C ARG A 335 -12.46 11.23 17.60
N ASP A 336 -13.24 10.24 18.04
CA ASP A 336 -12.88 9.39 19.16
C ASP A 336 -12.25 8.10 18.65
N CYS A 337 -12.12 8.02 17.32
CA CYS A 337 -11.60 6.83 16.66
C CYS A 337 -10.74 7.22 15.45
N LEU A 338 -10.00 6.26 14.92
CA LEU A 338 -9.15 6.50 13.76
C LEU A 338 -9.93 6.20 12.47
N VAL A 339 -10.00 7.17 11.56
CA VAL A 339 -10.79 6.99 10.35
C VAL A 339 -9.98 6.23 9.30
N PRO A 340 -10.52 5.12 8.78
CA PRO A 340 -9.84 4.35 7.73
C PRO A 340 -9.94 4.98 6.35
N CYS A 341 -8.82 5.06 5.65
CA CYS A 341 -8.78 5.54 4.27
C CYS A 341 -7.98 4.58 3.41
N PHE A 342 -8.23 4.61 2.11
CA PHE A 342 -7.39 3.84 1.19
C PHE A 342 -7.16 4.59 -0.09
N TRP A 343 -6.11 4.21 -0.80
CA TRP A 343 -5.80 4.74 -2.11
C TRP A 343 -5.78 3.62 -3.11
N VAL A 344 -6.10 3.95 -4.35
CA VAL A 344 -6.02 3.01 -5.45
C VAL A 344 -5.15 3.58 -6.55
N GLU A 345 -4.12 2.84 -6.92
CA GLU A 345 -3.23 3.21 -8.01
C GLU A 345 -3.90 2.75 -9.30
N MET A 346 -3.90 3.62 -10.30
CA MET A 346 -4.44 3.30 -11.61
C MET A 346 -3.32 3.35 -12.64
N ILE A 347 -2.88 2.19 -13.07
CA ILE A 347 -1.70 2.07 -13.93
C ILE A 347 -2.07 2.28 -15.38
N ARG A 348 -1.23 3.03 -16.09
CA ARG A 348 -1.37 3.25 -17.53
C ARG A 348 -0.05 2.96 -18.22
N GLY A 349 -0.14 2.49 -19.45
CA GLY A 349 1.03 2.33 -20.30
C GLY A 349 1.41 0.88 -20.52
N LYS A 350 2.67 0.66 -20.84
CA LYS A 350 3.16 -0.66 -21.26
C LYS A 350 3.23 -1.62 -20.08
N PRO A 351 3.11 -2.93 -20.36
CA PRO A 351 2.92 -3.54 -21.68
C PRO A 351 1.47 -3.60 -22.16
N ALA A 352 0.51 -3.40 -21.27
CA ALA A 352 -0.90 -3.56 -21.61
C ALA A 352 -1.39 -2.58 -22.68
N GLU A 353 -0.78 -1.40 -22.70
CA GLU A 353 -1.12 -0.37 -23.68
C GLU A 353 0.13 -0.05 -24.50
N LYS A 354 -0.06 0.44 -25.72
CA LYS A 354 1.05 0.63 -26.65
C LYS A 354 1.74 1.97 -26.46
N THR A 355 2.56 2.04 -25.42
CA THR A 355 3.41 3.19 -25.15
C THR A 355 4.80 2.68 -24.78
N ILE A 356 5.77 3.58 -24.70
CA ILE A 356 7.13 3.20 -24.29
C ILE A 356 7.27 3.31 -22.77
N TRP A 357 6.26 3.89 -22.13
CA TRP A 357 6.34 4.25 -20.71
C TRP A 357 5.22 3.59 -19.90
N THR A 358 5.39 3.64 -18.58
CA THR A 358 4.37 3.18 -17.64
C THR A 358 4.37 4.16 -16.47
N SER A 359 3.18 4.64 -16.09
CA SER A 359 3.06 5.44 -14.88
C SER A 359 1.69 5.15 -14.28
N SER A 360 1.36 5.88 -13.22
CA SER A 360 0.07 5.69 -12.57
C SER A 360 -0.43 6.98 -11.93
N SER A 361 -1.74 7.06 -11.75
CA SER A 361 -2.36 8.14 -10.97
C SER A 361 -3.18 7.48 -9.87
N SER A 362 -3.83 8.28 -9.04
CA SER A 362 -4.48 7.72 -7.86
C SER A 362 -5.85 8.33 -7.55
N ILE A 363 -6.66 7.52 -6.88
CA ILE A 363 -7.89 7.97 -6.24
C ILE A 363 -7.77 7.56 -4.79
N VAL A 364 -8.23 8.42 -3.89
CA VAL A 364 -8.13 8.20 -2.46
C VAL A 364 -9.52 8.36 -1.87
N MET A 365 -9.92 7.40 -1.04
CA MET A 365 -11.25 7.39 -0.42
C MET A 365 -11.10 7.31 1.09
N CYS A 366 -11.98 7.97 1.84
CA CYS A 366 -11.99 7.85 3.31
C CYS A 366 -13.35 7.37 3.84
N GLY A 367 -13.31 6.62 4.93
CA GLY A 367 -14.51 6.08 5.55
C GLY A 367 -15.44 7.12 6.15
N VAL A 368 -16.74 6.96 5.91
CA VAL A 368 -17.77 7.88 6.40
C VAL A 368 -18.96 7.12 6.99
N ASP A 369 -19.90 7.84 7.59
CA ASP A 369 -21.01 7.22 8.32
C ASP A 369 -22.22 6.98 7.43
N HIS A 370 -21.98 7.01 6.11
CA HIS A 370 -23.06 6.90 5.14
C HIS A 370 -22.65 6.01 3.98
N GLU A 371 -23.63 5.35 3.39
CA GLU A 371 -23.39 4.58 2.18
C GLU A 371 -23.17 5.57 1.04
N VAL A 372 -22.26 5.24 0.11
CA VAL A 372 -21.93 6.11 -1.01
C VAL A 372 -22.14 5.37 -2.34
N ALA A 373 -22.72 6.04 -3.32
CA ALA A 373 -23.07 5.41 -4.59
C ALA A 373 -21.84 4.93 -5.38
N ASP A 374 -22.02 3.84 -6.13
CA ASP A 374 -20.98 3.36 -7.04
C ASP A 374 -20.66 4.42 -8.08
N TRP A 375 -19.40 4.52 -8.47
CA TRP A 375 -19.02 5.31 -9.63
C TRP A 375 -17.63 4.87 -10.06
N SER A 376 -17.03 5.62 -10.97
CA SER A 376 -15.71 5.29 -11.47
C SER A 376 -14.88 6.55 -11.60
N TRP A 377 -13.93 6.70 -10.69
CA TRP A 377 -12.98 7.81 -10.76
C TRP A 377 -11.70 7.28 -11.38
N HIS A 378 -11.80 6.89 -12.65
CA HIS A 378 -10.68 6.27 -13.35
C HIS A 378 -9.69 7.33 -13.81
N ASP A 379 -8.56 6.87 -14.35
CA ASP A 379 -7.45 7.76 -14.65
C ASP A 379 -7.80 8.88 -15.63
N GLY A 380 -8.31 8.52 -16.81
CA GLY A 380 -8.80 9.51 -17.75
C GLY A 380 -7.85 9.98 -18.84
N ALA A 381 -6.59 9.54 -18.79
CA ALA A 381 -5.63 9.97 -19.80
C ALA A 381 -5.92 9.27 -21.13
N ILE A 382 -5.67 10.00 -22.21
CA ILE A 382 -5.82 9.50 -23.58
C ILE A 382 -4.46 9.11 -24.13
N LEU A 383 -4.23 7.81 -24.29
CA LEU A 383 -2.97 7.31 -24.85
C LEU A 383 -3.17 6.94 -26.32
N PRO A 384 -2.08 6.87 -27.10
CA PRO A 384 -0.70 7.18 -26.72
C PRO A 384 -0.42 8.68 -26.61
N PHE A 385 0.74 8.99 -26.05
CA PHE A 385 1.21 10.36 -25.90
C PHE A 385 2.17 10.71 -27.04
N ASP A 386 2.56 11.97 -27.10
CA ASP A 386 3.48 12.47 -28.14
C ASP A 386 4.77 11.66 -28.24
N ILE A 387 5.39 11.35 -27.09
CA ILE A 387 6.69 10.68 -27.10
C ILE A 387 6.57 9.28 -27.73
N ASP A 388 5.36 8.75 -27.72
CA ASP A 388 5.08 7.46 -28.34
C ASP A 388 4.90 7.63 -29.83
C1 NAG B . 12.95 2.95 -27.11
C2 NAG B . 13.27 3.65 -28.38
C3 NAG B . 13.65 2.63 -29.42
C4 NAG B . 14.80 1.76 -28.88
C5 NAG B . 14.55 1.30 -27.44
C6 NAG B . 15.76 0.69 -26.78
C7 NAG B . 11.99 5.74 -28.47
C8 NAG B . 10.78 6.44 -28.99
N2 NAG B . 12.14 4.47 -28.82
O3 NAG B . 14.04 3.28 -30.62
O4 NAG B . 14.92 0.59 -29.68
O5 NAG B . 14.12 2.39 -26.59
O6 NAG B . 16.88 1.55 -26.86
O7 NAG B . 12.82 6.33 -27.75
H1 NAG B . 12.59 3.60 -26.47
H2 NAG B . 14.04 4.25 -28.23
H3 NAG B . 12.88 2.05 -29.60
H4 NAG B . 15.62 2.26 -28.91
H5 NAG B . 13.83 0.63 -27.45
H61 NAG B . 15.56 0.51 -25.83
H62 NAG B . 15.98 -0.16 -27.21
H81 NAG B . 10.80 6.46 -29.96
H82 NAG B . 9.98 5.94 -28.69
H83 NAG B . 10.74 7.35 -28.64
HN2 NAG B . 11.50 4.08 -29.35
HO3 NAG B . 13.52 3.01 -31.28
HO4 NAG B . 15.55 0.71 -30.29
HO6 NAG B . 17.16 1.77 -26.03
C1 FUC C . 19.74 -0.17 -26.14
C2 FUC C . 20.21 1.22 -26.61
C3 FUC C . 20.17 2.27 -25.47
C4 FUC C . 19.95 1.61 -24.10
C5 FUC C . 18.66 0.75 -24.16
C6 FUC C . 18.53 -0.21 -22.98
O2 FUC C . 19.41 1.66 -27.70
O3 FUC C . 21.38 3.04 -25.41
O4 FUC C . 21.08 0.82 -23.76
O5 FUC C . 18.57 -0.06 -25.38
CA CA D . -1.19 -14.49 -4.70
NI NI E . 11.87 20.21 4.61
#